data_5K42
#
_entry.id   5K42
#
_cell.length_a   127.308
_cell.length_b   127.308
_cell.length_c   206.782
_cell.angle_alpha   90.000
_cell.angle_beta   90.000
_cell.angle_gamma   90.000
#
_symmetry.space_group_name_H-M   'I 41 2 2'
#
loop_
_entity.id
_entity.type
_entity.pdbx_description
1 polymer 'Alpha,alpha-trehalose-phosphate synthase'
2 non-polymer GDP-ALPHA-D-GLUCOSE
3 non-polymer '2-[N-CYCLOHEXYLAMINO]ETHANE SULFONIC ACID'
4 non-polymer 1,2-ETHANEDIOL
5 water water
#
_entity_poly.entity_id   1
_entity_poly.type   'polypeptide(L)'
_entity_poly.pdbx_seq_one_letter_code
;SMADRGDSGDSDFVVVANRLPIDLERAPDGTTSWKRSPGGLVTALEPLLRRRRGAWIGWPGIPDSDEDPIVDGDLVLYPV
RLSADDVAQYYEGFSNATLWPLYHDVIVKPIYNRQWWERYVEVNRRFAEATSRAAARGATVWVQDYQLQLVPKMLRELRP
DLTIGFFLHIPFPPVELFMQLPWRTEITDGLLGADLVGFHLPGGAQNFLFLARRLVGANTSRASVGVRSKFGEVQIGSRT
VKVGAFPISIDSADLDRQARQRSIRQRARQIRAELGNPRRILLGVDRLDYTKGIDVRLQAFAELLAEGRVNREDTVFVQL
ATPSRERVEAYRLLRDDIERQVGHINGEYGEVGHPVVHYLHRPVPREELIAFFVAADVMLVTPLRDGMNLVAKEYVACRS
DLGGALVLSEFTGAAAELGQAYLVNPHNLDHVKDTMVAALNQTPEEGRRRMRALRRQVLAHDVDLWARSFLDALASTRTG
DADAVPV
;
_entity_poly.pdbx_strand_id   A
#
loop_
_chem_comp.id
_chem_comp.type
_chem_comp.name
_chem_comp.formula
EDO non-polymer 1,2-ETHANEDIOL 'C2 H6 O2'
GDG non-polymer GDP-ALPHA-D-GLUCOSE 'C16 H25 N5 O16 P2'
NHE non-polymer '2-[N-CYCLOHEXYLAMINO]ETHANE SULFONIC ACID' 'C8 H17 N O3 S'
#
# COMPACT_ATOMS: atom_id res chain seq x y z
N GLY A 9 29.97 -7.93 -5.05
CA GLY A 9 30.20 -6.87 -4.08
C GLY A 9 30.44 -7.42 -2.70
N ASP A 10 30.23 -6.59 -1.68
CA ASP A 10 30.53 -7.01 -0.32
C ASP A 10 29.34 -6.84 0.62
N SER A 11 28.13 -6.87 0.07
CA SER A 11 26.93 -6.74 0.91
C SER A 11 26.26 -8.09 1.14
N ASP A 12 25.98 -8.41 2.40
CA ASP A 12 25.41 -9.70 2.75
C ASP A 12 23.90 -9.61 2.97
N PHE A 13 23.37 -8.40 2.87
CA PHE A 13 21.93 -8.20 2.87
C PHE A 13 21.56 -7.07 1.91
N VAL A 14 20.70 -7.38 0.95
CA VAL A 14 20.41 -6.46 -0.14
C VAL A 14 18.91 -6.31 -0.38
N VAL A 15 18.43 -5.07 -0.36
CA VAL A 15 17.05 -4.80 -0.70
C VAL A 15 16.98 -4.29 -2.12
N VAL A 16 16.01 -4.80 -2.88
CA VAL A 16 15.78 -4.38 -4.24
C VAL A 16 14.38 -3.82 -4.36
N ALA A 17 14.27 -2.56 -4.75
CA ALA A 17 12.98 -1.90 -4.90
C ALA A 17 13.04 -0.91 -6.06
N ASN A 18 11.87 -0.57 -6.60
CA ASN A 18 11.80 0.32 -7.76
C ASN A 18 12.56 1.63 -7.51
N ARG A 19 12.44 2.17 -6.30
CA ARG A 19 13.17 3.40 -5.99
C ARG A 19 14.11 3.27 -4.80
N LEU A 20 15.22 4.01 -4.88
CA LEU A 20 16.10 4.18 -3.72
C LEU A 20 15.32 4.89 -2.61
N PRO A 21 15.69 4.65 -1.35
CA PRO A 21 14.98 5.28 -0.22
C PRO A 21 15.48 6.70 0.05
N ILE A 22 15.42 7.58 -0.94
CA ILE A 22 15.92 8.95 -0.79
C ILE A 22 14.99 9.98 -1.44
N ASP A 23 15.21 11.25 -1.11
CA ASP A 23 14.44 12.35 -1.67
C ASP A 23 15.37 13.36 -2.35
N LEU A 24 14.97 13.87 -3.51
CA LEU A 24 15.76 14.87 -4.23
C LEU A 24 15.92 16.16 -3.43
N TRP A 34 20.27 15.49 -2.35
CA TRP A 34 19.38 14.42 -1.90
C TRP A 34 19.54 14.13 -0.41
N LYS A 35 18.51 13.53 0.18
CA LYS A 35 18.55 13.10 1.58
C LYS A 35 17.74 11.81 1.77
N ARG A 36 18.14 10.99 2.74
CA ARG A 36 17.46 9.72 3.00
C ARG A 36 16.03 9.96 3.47
N SER A 37 15.07 9.34 2.76
CA SER A 37 13.66 9.52 3.11
C SER A 37 13.34 8.91 4.47
N PRO A 38 12.56 9.64 5.29
CA PRO A 38 12.15 9.18 6.61
C PRO A 38 11.11 8.06 6.58
N GLY A 39 11.02 7.32 7.68
CA GLY A 39 9.99 6.31 7.86
C GLY A 39 10.07 5.13 6.90
N GLY A 40 8.92 4.49 6.70
CA GLY A 40 8.80 3.39 5.76
C GLY A 40 9.72 2.21 5.99
N LEU A 41 9.99 1.49 4.90
CA LEU A 41 10.74 0.25 4.93
C LEU A 41 12.15 0.44 5.45
N VAL A 42 12.85 1.43 4.91
CA VAL A 42 14.25 1.66 5.25
C VAL A 42 14.44 1.89 6.75
N THR A 43 13.41 2.43 7.41
CA THR A 43 13.51 2.66 8.84
C THR A 43 13.25 1.37 9.62
N ALA A 44 12.35 0.55 9.10
CA ALA A 44 12.07 -0.75 9.72
C ALA A 44 13.30 -1.67 9.68
N LEU A 45 14.08 -1.61 8.60
CA LEU A 45 15.29 -2.43 8.49
C LEU A 45 16.51 -1.88 9.25
N GLU A 46 16.38 -0.69 9.84
CA GLU A 46 17.51 -0.02 10.51
C GLU A 46 18.28 -0.87 11.53
N PRO A 47 17.58 -1.57 12.45
CA PRO A 47 18.36 -2.36 13.41
C PRO A 47 18.99 -3.62 12.80
N LEU A 48 18.61 -3.99 11.58
CA LEU A 48 19.23 -5.12 10.90
C LEU A 48 20.49 -4.67 10.16
N LEU A 49 20.45 -3.46 9.61
CA LEU A 49 21.59 -2.86 8.94
C LEU A 49 22.71 -2.55 9.94
N ARG A 50 22.38 -2.53 11.22
CA ARG A 50 23.37 -2.33 12.27
C ARG A 50 24.18 -3.60 12.49
N ARG A 51 23.74 -4.70 11.91
CA ARG A 51 24.41 -5.99 12.09
C ARG A 51 24.83 -6.63 10.77
N ARG A 52 24.41 -6.03 9.65
CA ARG A 52 24.76 -6.53 8.32
C ARG A 52 25.43 -5.46 7.47
N ARG A 53 26.19 -5.89 6.48
CA ARG A 53 26.67 -4.99 5.44
C ARG A 53 25.55 -4.83 4.41
N GLY A 54 24.70 -3.84 4.60
CA GLY A 54 23.49 -3.70 3.81
C GLY A 54 23.61 -2.85 2.57
N ALA A 55 22.85 -3.22 1.54
CA ALA A 55 22.79 -2.48 0.29
C ALA A 55 21.35 -2.29 -0.16
N TRP A 56 21.11 -1.23 -0.92
CA TRP A 56 19.80 -0.98 -1.48
C TRP A 56 19.93 -0.68 -2.96
N ILE A 57 19.20 -1.43 -3.79
CA ILE A 57 19.23 -1.25 -5.22
C ILE A 57 17.93 -0.60 -5.69
N GLY A 58 18.03 0.48 -6.48
CA GLY A 58 16.84 1.11 -7.02
C GLY A 58 17.12 2.31 -7.91
N TRP A 59 16.09 2.78 -8.59
CA TRP A 59 16.18 3.98 -9.40
C TRP A 59 16.14 5.22 -8.50
N PRO A 60 17.07 6.16 -8.70
CA PRO A 60 17.18 7.37 -7.88
C PRO A 60 16.16 8.46 -8.22
N GLY A 61 15.26 8.19 -9.15
CA GLY A 61 14.19 9.14 -9.47
C GLY A 61 14.56 10.22 -10.46
N ILE A 62 15.80 10.22 -10.92
CA ILE A 62 16.24 11.13 -11.97
C ILE A 62 16.67 10.35 -13.22
N PRO A 63 16.34 10.86 -14.40
CA PRO A 63 16.62 10.14 -15.65
C PRO A 63 18.10 10.13 -16.02
N ASP A 64 18.56 9.00 -16.56
CA ASP A 64 19.89 8.86 -17.12
C ASP A 64 21.02 9.25 -16.15
N SER A 65 20.94 8.79 -14.91
CA SER A 65 21.99 9.02 -13.93
C SER A 65 23.09 7.97 -14.04
N ASP A 66 24.17 8.16 -13.28
CA ASP A 66 25.22 7.15 -13.18
C ASP A 66 24.74 5.98 -12.32
N GLU A 67 25.47 4.88 -12.38
CA GLU A 67 25.17 3.71 -11.56
C GLU A 67 26.26 3.46 -10.53
N ASP A 68 26.94 4.54 -10.12
CA ASP A 68 28.01 4.44 -9.13
C ASP A 68 27.44 4.40 -7.72
N PRO A 69 27.89 3.43 -6.92
CA PRO A 69 27.48 3.21 -5.53
C PRO A 69 27.63 4.48 -4.68
N ILE A 70 26.62 4.75 -3.87
CA ILE A 70 26.63 5.88 -2.94
C ILE A 70 26.59 5.36 -1.51
N VAL A 71 27.64 5.59 -0.74
CA VAL A 71 27.71 5.02 0.60
C VAL A 71 27.09 5.98 1.63
N ASP A 72 26.04 5.51 2.29
CA ASP A 72 25.36 6.28 3.32
C ASP A 72 25.79 5.82 4.73
N GLY A 73 27.01 5.29 4.83
CA GLY A 73 27.55 4.85 6.10
C GLY A 73 26.82 3.65 6.69
N ASP A 74 25.51 3.79 6.85
CA ASP A 74 24.64 2.72 7.37
C ASP A 74 24.20 1.80 6.24
N LEU A 75 24.41 2.25 5.01
CA LEU A 75 23.84 1.59 3.86
C LEU A 75 24.59 1.99 2.60
N VAL A 76 24.75 1.05 1.68
CA VAL A 76 25.29 1.37 0.36
C VAL A 76 24.15 1.42 -0.66
N LEU A 77 24.08 2.50 -1.42
CA LEU A 77 23.02 2.68 -2.40
C LEU A 77 23.52 2.36 -3.80
N TYR A 78 22.87 1.42 -4.47
CA TYR A 78 23.22 1.10 -5.85
C TYR A 78 22.14 1.61 -6.79
N PRO A 79 22.40 2.74 -7.45
CA PRO A 79 21.42 3.34 -8.35
C PRO A 79 21.30 2.61 -9.68
N VAL A 80 20.08 2.53 -10.19
CA VAL A 80 19.83 1.93 -11.49
C VAL A 80 19.52 3.01 -12.51
N ARG A 81 20.27 3.02 -13.61
CA ARG A 81 20.06 4.00 -14.66
C ARG A 81 18.80 3.69 -15.46
N LEU A 82 17.85 4.61 -15.44
CA LEU A 82 16.65 4.52 -16.27
C LEU A 82 16.47 5.81 -17.05
N SER A 83 16.16 5.69 -18.33
CA SER A 83 15.85 6.86 -19.12
C SER A 83 14.39 7.22 -18.88
N ALA A 84 13.98 8.43 -19.26
CA ALA A 84 12.58 8.83 -19.13
C ALA A 84 11.68 7.90 -19.96
N ASP A 85 12.23 7.39 -21.06
CA ASP A 85 11.51 6.45 -21.90
C ASP A 85 11.35 5.09 -21.21
N ASP A 86 12.41 4.65 -20.53
CA ASP A 86 12.35 3.44 -19.71
C ASP A 86 11.24 3.52 -18.67
N VAL A 87 11.16 4.66 -18.01
CA VAL A 87 10.16 4.86 -16.96
C VAL A 87 8.77 4.85 -17.57
N ALA A 88 8.62 5.50 -18.72
CA ALA A 88 7.33 5.56 -19.38
C ALA A 88 6.82 4.16 -19.74
N GLN A 89 7.68 3.30 -20.26
CA GLN A 89 7.21 2.00 -20.75
C GLN A 89 7.20 0.89 -19.70
N TYR A 90 8.25 0.84 -18.87
CA TYR A 90 8.35 -0.15 -17.79
C TYR A 90 7.44 0.16 -16.60
N TYR A 91 7.39 1.43 -16.21
CA TYR A 91 6.69 1.84 -14.99
C TYR A 91 5.31 2.43 -15.26
N GLU A 92 5.27 3.57 -15.94
CA GLU A 92 3.99 4.18 -16.31
CA GLU A 92 4.00 4.19 -16.33
C GLU A 92 3.18 3.22 -17.18
N GLY A 93 3.86 2.49 -18.05
CA GLY A 93 3.21 1.54 -18.94
C GLY A 93 2.94 0.19 -18.29
N PHE A 94 3.91 -0.71 -18.35
CA PHE A 94 3.64 -2.07 -17.91
C PHE A 94 3.23 -2.16 -16.44
N SER A 95 3.96 -1.49 -15.55
CA SER A 95 3.63 -1.63 -14.14
C SER A 95 2.28 -0.99 -13.82
N ASN A 96 2.09 0.26 -14.22
CA ASN A 96 0.90 1.00 -13.77
C ASN A 96 -0.34 0.90 -14.65
N ALA A 97 -0.17 0.49 -15.91
CA ALA A 97 -1.33 0.42 -16.81
C ALA A 97 -1.59 -1.02 -17.29
N THR A 98 -0.68 -1.95 -17.00
CA THR A 98 -0.96 -3.37 -17.23
C THR A 98 -1.17 -4.10 -15.89
N LEU A 99 -0.12 -4.19 -15.09
CA LEU A 99 -0.17 -5.00 -13.87
C LEU A 99 -1.09 -4.43 -12.81
N TRP A 100 -0.97 -3.13 -12.55
CA TRP A 100 -1.72 -2.52 -11.45
C TRP A 100 -3.25 -2.74 -11.62
N PRO A 101 -3.84 -2.38 -12.77
CA PRO A 101 -5.29 -2.61 -12.85
C PRO A 101 -5.66 -4.10 -12.83
N LEU A 102 -4.84 -4.95 -13.45
CA LEU A 102 -5.13 -6.38 -13.47
C LEU A 102 -5.12 -6.98 -12.07
N TYR A 103 -4.10 -6.65 -11.28
CA TYR A 103 -4.00 -7.25 -9.96
C TYR A 103 -5.08 -6.71 -9.04
N HIS A 104 -5.61 -5.52 -9.33
CA HIS A 104 -6.69 -4.95 -8.50
C HIS A 104 -8.07 -5.20 -9.15
N ASP A 105 -8.33 -6.44 -9.52
CA ASP A 105 -9.66 -6.89 -9.97
C ASP A 105 -10.20 -6.09 -11.15
N VAL A 106 -9.30 -5.75 -12.08
CA VAL A 106 -9.61 -4.98 -13.31
C VAL A 106 -10.68 -3.90 -13.13
N ILE A 107 -10.50 -3.07 -12.11
CA ILE A 107 -11.38 -1.94 -11.89
C ILE A 107 -11.34 -1.04 -13.12
N VAL A 108 -10.17 -0.93 -13.72
CA VAL A 108 -9.96 -0.30 -15.01
CA VAL A 108 -10.09 -0.35 -15.05
C VAL A 108 -9.45 -1.39 -15.96
N LYS A 109 -9.70 -1.24 -17.25
CA LYS A 109 -9.25 -2.24 -18.21
C LYS A 109 -7.73 -2.22 -18.37
N PRO A 110 -7.07 -3.35 -18.10
CA PRO A 110 -5.63 -3.37 -18.37
C PRO A 110 -5.34 -3.17 -19.85
N ILE A 111 -4.21 -2.54 -20.14
CA ILE A 111 -3.72 -2.40 -21.51
C ILE A 111 -2.60 -3.41 -21.72
N TYR A 112 -2.75 -4.27 -22.73
CA TYR A 112 -1.71 -5.25 -23.03
C TYR A 112 -0.92 -4.76 -24.22
N ASN A 113 0.34 -4.43 -23.97
CA ASN A 113 1.23 -3.79 -24.93
C ASN A 113 2.56 -4.52 -24.93
N ARG A 114 2.95 -5.05 -26.07
CA ARG A 114 4.20 -5.80 -26.18
C ARG A 114 5.47 -4.96 -25.96
N GLN A 115 5.46 -3.71 -26.40
CA GLN A 115 6.64 -2.86 -26.20
C GLN A 115 6.84 -2.58 -24.70
N TRP A 116 5.73 -2.45 -23.98
CA TRP A 116 5.82 -2.24 -22.54
C TRP A 116 6.41 -3.46 -21.86
N TRP A 117 5.94 -4.64 -22.25
CA TRP A 117 6.46 -5.90 -21.72
C TRP A 117 7.95 -6.02 -21.95
N GLU A 118 8.39 -5.68 -23.16
CA GLU A 118 9.79 -5.83 -23.49
C GLU A 118 10.66 -4.89 -22.66
N ARG A 119 10.17 -3.69 -22.39
CA ARG A 119 10.95 -2.75 -21.56
C ARG A 119 10.94 -3.21 -20.10
N TYR A 120 9.81 -3.77 -19.68
CA TYR A 120 9.68 -4.32 -18.33
C TYR A 120 10.72 -5.41 -18.10
N VAL A 121 10.86 -6.31 -19.08
CA VAL A 121 11.90 -7.33 -19.04
C VAL A 121 13.31 -6.72 -18.96
N GLU A 122 13.60 -5.79 -19.86
CA GLU A 122 14.92 -5.15 -19.92
C GLU A 122 15.25 -4.46 -18.60
N VAL A 123 14.30 -3.72 -18.05
CA VAL A 123 14.53 -2.99 -16.82
C VAL A 123 14.72 -3.96 -15.66
N ASN A 124 13.90 -5.02 -15.60
CA ASN A 124 14.05 -6.04 -14.57
C ASN A 124 15.44 -6.68 -14.62
N ARG A 125 15.98 -6.88 -15.82
CA ARG A 125 17.29 -7.52 -15.95
C ARG A 125 18.36 -6.56 -15.41
N ARG A 126 18.17 -5.27 -15.68
CA ARG A 126 19.07 -4.24 -15.18
C ARG A 126 19.08 -4.19 -13.63
N PHE A 127 17.92 -4.34 -12.99
CA PHE A 127 17.86 -4.42 -11.54
C PHE A 127 18.57 -5.69 -11.03
N ALA A 128 18.41 -6.78 -11.78
CA ALA A 128 19.05 -8.04 -11.40
C ALA A 128 20.57 -7.92 -11.45
N GLU A 129 21.07 -7.24 -12.48
CA GLU A 129 22.50 -7.02 -12.65
C GLU A 129 23.05 -6.12 -11.54
N ALA A 130 22.32 -5.07 -11.20
CA ALA A 130 22.75 -4.17 -10.14
C ALA A 130 22.82 -4.94 -8.81
N THR A 131 21.85 -5.80 -8.60
CA THR A 131 21.79 -6.62 -7.39
C THR A 131 23.00 -7.52 -7.28
N SER A 132 23.30 -8.23 -8.36
CA SER A 132 24.45 -9.13 -8.40
C SER A 132 25.76 -8.41 -8.10
N ARG A 133 25.92 -7.22 -8.67
CA ARG A 133 27.08 -6.38 -8.39
C ARG A 133 27.26 -6.13 -6.89
N ALA A 134 26.15 -5.86 -6.20
CA ALA A 134 26.17 -5.47 -4.80
C ALA A 134 26.28 -6.65 -3.84
N ALA A 135 25.71 -7.79 -4.25
CA ALA A 135 25.54 -8.92 -3.35
C ALA A 135 26.79 -9.78 -3.21
N ALA A 136 27.24 -9.93 -1.96
CA ALA A 136 28.33 -10.82 -1.63
C ALA A 136 27.90 -12.27 -1.83
N ARG A 137 28.86 -13.19 -1.73
CA ARG A 137 28.56 -14.61 -1.93
C ARG A 137 27.65 -15.12 -0.81
N GLY A 138 26.56 -15.78 -1.19
CA GLY A 138 25.65 -16.34 -0.21
C GLY A 138 24.76 -15.32 0.47
N ALA A 139 24.81 -14.08 -0.01
CA ALA A 139 24.01 -12.99 0.55
C ALA A 139 22.51 -13.25 0.53
N THR A 140 21.79 -12.56 1.41
CA THR A 140 20.34 -12.56 1.43
C THR A 140 19.79 -11.37 0.64
N VAL A 141 18.87 -11.63 -0.26
CA VAL A 141 18.29 -10.60 -1.10
C VAL A 141 16.78 -10.51 -0.89
N TRP A 142 16.28 -9.30 -0.67
CA TRP A 142 14.83 -9.09 -0.54
C TRP A 142 14.32 -8.16 -1.64
N VAL A 143 13.64 -8.74 -2.63
CA VAL A 143 13.07 -7.97 -3.74
C VAL A 143 11.66 -7.50 -3.39
N GLN A 144 11.38 -6.22 -3.66
CA GLN A 144 10.07 -5.63 -3.35
C GLN A 144 9.18 -5.39 -4.58
N ASP A 145 7.99 -6.00 -4.53
CA ASP A 145 6.80 -5.50 -5.22
C ASP A 145 6.67 -5.73 -6.72
N TYR A 146 5.51 -5.33 -7.23
CA TYR A 146 5.03 -5.76 -8.55
C TYR A 146 5.83 -5.27 -9.74
N GLN A 147 6.67 -4.25 -9.55
CA GLN A 147 7.44 -3.76 -10.70
C GLN A 147 8.63 -4.66 -11.01
N LEU A 148 8.93 -5.57 -10.08
CA LEU A 148 10.18 -6.33 -10.14
C LEU A 148 9.97 -7.84 -10.06
N GLN A 149 8.86 -8.31 -10.62
CA GLN A 149 8.47 -9.71 -10.49
C GLN A 149 9.37 -10.68 -11.25
N LEU A 150 10.13 -10.18 -12.22
CA LEU A 150 11.01 -11.05 -12.99
C LEU A 150 12.37 -11.19 -12.31
N VAL A 151 12.70 -10.26 -11.42
CA VAL A 151 14.03 -10.22 -10.83
C VAL A 151 14.44 -11.52 -10.12
N PRO A 152 13.56 -12.16 -9.34
CA PRO A 152 14.07 -13.36 -8.65
C PRO A 152 14.61 -14.46 -9.57
N LYS A 153 13.88 -14.80 -10.63
CA LYS A 153 14.37 -15.82 -11.57
C LYS A 153 15.65 -15.37 -12.26
N MET A 154 15.67 -14.11 -12.71
CA MET A 154 16.87 -13.57 -13.39
C MET A 154 18.08 -13.62 -12.49
N LEU A 155 17.85 -13.28 -11.22
CA LEU A 155 18.93 -13.21 -10.25
C LEU A 155 19.43 -14.61 -9.92
N ARG A 156 18.51 -15.56 -9.77
CA ARG A 156 18.93 -16.93 -9.48
C ARG A 156 19.76 -17.51 -10.63
N GLU A 157 19.43 -17.11 -11.85
CA GLU A 157 20.19 -17.58 -13.02
C GLU A 157 21.60 -16.99 -13.03
N LEU A 158 21.70 -15.71 -12.69
CA LEU A 158 23.02 -15.06 -12.61
C LEU A 158 23.79 -15.50 -11.37
N ARG A 159 23.06 -15.73 -10.28
CA ARG A 159 23.68 -15.95 -8.97
C ARG A 159 22.97 -17.02 -8.15
N PRO A 160 23.16 -18.30 -8.51
CA PRO A 160 22.47 -19.40 -7.81
C PRO A 160 22.90 -19.54 -6.34
N ASP A 161 23.87 -18.76 -5.90
CA ASP A 161 24.35 -18.80 -4.53
C ASP A 161 23.45 -17.98 -3.59
N LEU A 162 22.62 -17.13 -4.16
CA LEU A 162 21.85 -16.18 -3.36
C LEU A 162 20.58 -16.77 -2.77
N THR A 163 20.25 -16.30 -1.57
CA THR A 163 18.96 -16.53 -0.95
C THR A 163 18.04 -15.37 -1.31
N ILE A 164 16.89 -15.67 -1.89
CA ILE A 164 16.05 -14.63 -2.46
C ILE A 164 14.62 -14.66 -1.93
N GLY A 165 14.22 -13.56 -1.32
CA GLY A 165 12.83 -13.38 -0.96
C GLY A 165 12.17 -12.34 -1.85
N PHE A 166 10.86 -12.51 -2.04
CA PHE A 166 10.06 -11.54 -2.78
C PHE A 166 8.78 -11.26 -1.98
N PHE A 167 8.43 -9.98 -1.83
CA PHE A 167 7.15 -9.63 -1.21
C PHE A 167 6.33 -8.73 -2.13
N LEU A 168 5.08 -9.14 -2.40
CA LEU A 168 4.14 -8.36 -3.19
C LEU A 168 3.29 -7.46 -2.28
N HIS A 169 3.35 -6.15 -2.49
CA HIS A 169 2.65 -5.18 -1.64
C HIS A 169 1.22 -4.92 -2.10
N ILE A 170 0.86 -5.43 -3.28
CA ILE A 170 -0.48 -5.25 -3.82
C ILE A 170 -1.16 -6.63 -3.87
N PRO A 171 -2.48 -6.67 -4.11
CA PRO A 171 -3.13 -8.00 -4.11
C PRO A 171 -2.63 -8.90 -5.23
N PHE A 172 -2.69 -10.21 -5.02
CA PHE A 172 -2.47 -11.14 -6.12
C PHE A 172 -3.82 -11.63 -6.62
N PRO A 173 -4.14 -11.35 -7.89
CA PRO A 173 -5.51 -11.56 -8.37
C PRO A 173 -5.86 -13.05 -8.51
N PRO A 174 -7.17 -13.36 -8.59
CA PRO A 174 -7.57 -14.73 -8.90
C PRO A 174 -7.09 -15.15 -10.28
N VAL A 175 -6.94 -16.45 -10.48
CA VAL A 175 -6.38 -17.02 -11.70
C VAL A 175 -7.17 -16.63 -12.95
N GLU A 176 -8.49 -16.53 -12.84
CA GLU A 176 -9.34 -16.18 -13.98
C GLU A 176 -8.95 -14.84 -14.58
N LEU A 177 -8.49 -13.92 -13.73
CA LEU A 177 -8.07 -12.62 -14.21
C LEU A 177 -6.59 -12.63 -14.59
N PHE A 178 -5.74 -13.22 -13.74
CA PHE A 178 -4.31 -13.27 -14.02
C PHE A 178 -4.02 -13.87 -15.40
N MET A 179 -4.80 -14.88 -15.79
CA MET A 179 -4.60 -15.60 -17.05
C MET A 179 -4.75 -14.74 -18.31
N GLN A 180 -5.37 -13.57 -18.15
CA GLN A 180 -5.50 -12.64 -19.28
C GLN A 180 -4.13 -12.22 -19.78
N LEU A 181 -3.18 -12.07 -18.86
CA LEU A 181 -1.85 -11.57 -19.19
C LEU A 181 -1.19 -12.45 -20.24
N PRO A 182 -0.86 -11.87 -21.39
CA PRO A 182 -0.15 -12.67 -22.40
C PRO A 182 1.18 -13.22 -21.87
N TRP A 183 1.79 -12.54 -20.89
CA TRP A 183 3.10 -12.93 -20.38
C TRP A 183 2.92 -13.54 -18.99
N ARG A 184 1.75 -14.13 -18.78
CA ARG A 184 1.42 -14.83 -17.52
C ARG A 184 2.48 -15.86 -17.08
N THR A 185 2.99 -16.66 -18.01
CA THR A 185 3.95 -17.69 -17.63
C THR A 185 5.30 -17.10 -17.23
N GLU A 186 5.73 -16.08 -17.97
CA GLU A 186 7.00 -15.41 -17.67
C GLU A 186 6.96 -14.72 -16.29
N ILE A 187 5.84 -14.12 -15.95
CA ILE A 187 5.68 -13.51 -14.62
C ILE A 187 5.68 -14.58 -13.51
N THR A 188 4.93 -15.66 -13.72
CA THR A 188 4.87 -16.73 -12.73
C THR A 188 6.24 -17.38 -12.50
N ASP A 189 6.93 -17.70 -13.59
CA ASP A 189 8.29 -18.23 -13.52
C ASP A 189 9.21 -17.24 -12.80
N GLY A 190 9.00 -15.97 -13.06
CA GLY A 190 9.79 -14.91 -12.45
C GLY A 190 9.70 -14.95 -10.93
N LEU A 191 8.48 -15.07 -10.42
CA LEU A 191 8.25 -15.12 -8.98
C LEU A 191 8.80 -16.41 -8.39
N LEU A 192 8.63 -17.50 -9.12
CA LEU A 192 9.09 -18.82 -8.68
C LEU A 192 10.62 -18.91 -8.58
N GLY A 193 11.32 -17.87 -9.03
CA GLY A 193 12.75 -17.81 -8.85
C GLY A 193 13.13 -17.54 -7.39
N ALA A 194 12.18 -17.09 -6.59
CA ALA A 194 12.47 -16.78 -5.18
C ALA A 194 12.49 -18.04 -4.33
N ASP A 195 13.19 -17.96 -3.18
CA ASP A 195 13.09 -18.99 -2.16
C ASP A 195 11.83 -18.80 -1.33
N LEU A 196 11.42 -17.54 -1.21
CA LEU A 196 10.24 -17.20 -0.45
C LEU A 196 9.43 -16.17 -1.19
N VAL A 197 8.17 -16.46 -1.41
CA VAL A 197 7.25 -15.51 -1.99
C VAL A 197 6.19 -15.16 -0.96
N GLY A 198 6.09 -13.87 -0.64
CA GLY A 198 5.18 -13.41 0.40
C GLY A 198 4.12 -12.47 -0.14
N PHE A 199 2.95 -12.52 0.49
CA PHE A 199 1.81 -11.65 0.20
C PHE A 199 1.27 -11.12 1.52
N HIS A 200 0.47 -10.06 1.49
CA HIS A 200 -0.15 -9.60 2.76
C HIS A 200 -1.07 -10.66 3.33
N LEU A 201 -1.83 -11.32 2.44
CA LEU A 201 -2.97 -12.14 2.86
C LEU A 201 -2.85 -13.59 2.44
N PRO A 202 -3.43 -14.50 3.25
CA PRO A 202 -3.49 -15.91 2.84
C PRO A 202 -4.15 -16.07 1.47
N GLY A 203 -5.16 -15.24 1.16
CA GLY A 203 -5.86 -15.32 -0.12
C GLY A 203 -4.95 -15.16 -1.33
N GLY A 204 -3.98 -14.25 -1.23
CA GLY A 204 -3.04 -14.05 -2.31
C GLY A 204 -2.12 -15.25 -2.43
N ALA A 205 -1.65 -15.74 -1.30
CA ALA A 205 -0.78 -16.89 -1.27
C ALA A 205 -1.46 -18.10 -1.90
N GLN A 206 -2.74 -18.28 -1.59
CA GLN A 206 -3.49 -19.41 -2.10
C GLN A 206 -3.73 -19.28 -3.60
N ASN A 207 -3.95 -18.06 -4.07
CA ASN A 207 -4.10 -17.81 -5.50
C ASN A 207 -2.82 -18.20 -6.24
N PHE A 208 -1.69 -17.86 -5.64
CA PHE A 208 -0.38 -18.16 -6.20
C PHE A 208 -0.12 -19.66 -6.29
N LEU A 209 -0.46 -20.39 -5.23
CA LEU A 209 -0.29 -21.84 -5.22
C LEU A 209 -1.10 -22.48 -6.35
N PHE A 210 -2.36 -22.05 -6.46
CA PHE A 210 -3.24 -22.59 -7.48
C PHE A 210 -2.74 -22.27 -8.89
N LEU A 211 -2.29 -21.04 -9.08
CA LEU A 211 -1.70 -20.61 -10.33
C LEU A 211 -0.51 -21.49 -10.70
N ALA A 212 0.31 -21.81 -9.69
CA ALA A 212 1.47 -22.66 -9.91
C ALA A 212 1.08 -24.04 -10.44
N ARG A 213 -0.01 -24.61 -9.92
CA ARG A 213 -0.47 -25.91 -10.37
C ARG A 213 -1.08 -25.81 -11.77
N ARG A 214 -1.95 -24.82 -11.95
CA ARG A 214 -2.73 -24.66 -13.17
C ARG A 214 -1.90 -24.24 -14.38
N LEU A 215 -1.05 -23.24 -14.19
CA LEU A 215 -0.32 -22.65 -15.32
C LEU A 215 1.02 -23.32 -15.51
N VAL A 216 1.71 -23.61 -14.42
CA VAL A 216 3.07 -24.14 -14.51
C VAL A 216 3.10 -25.67 -14.35
N GLY A 217 2.06 -26.24 -13.73
CA GLY A 217 2.01 -27.68 -13.58
C GLY A 217 2.88 -28.16 -12.43
N ALA A 218 3.23 -27.23 -11.54
CA ALA A 218 4.06 -27.57 -10.38
C ALA A 218 3.26 -28.31 -9.32
N ASN A 219 3.95 -29.16 -8.57
CA ASN A 219 3.37 -29.73 -7.36
C ASN A 219 3.40 -28.73 -6.22
N THR A 220 2.25 -28.51 -5.59
CA THR A 220 2.16 -27.60 -4.46
C THR A 220 1.47 -28.24 -3.26
N SER A 221 1.63 -27.62 -2.10
CA SER A 221 0.83 -27.95 -0.94
C SER A 221 -0.63 -27.57 -1.18
N ARG A 222 -1.55 -28.20 -0.47
CA ARG A 222 -2.99 -28.01 -0.73
C ARG A 222 -3.73 -27.34 0.41
N ALA A 223 -3.12 -27.29 1.59
CA ALA A 223 -3.75 -26.70 2.78
C ALA A 223 -3.91 -25.19 2.68
N SER A 224 -4.80 -24.65 3.50
CA SER A 224 -4.89 -23.21 3.68
C SER A 224 -3.54 -22.67 4.14
N VAL A 225 -3.25 -21.43 3.77
CA VAL A 225 -2.02 -20.77 4.19
C VAL A 225 -2.32 -19.93 5.44
N GLY A 226 -1.49 -20.09 6.47
CA GLY A 226 -1.71 -19.33 7.71
C GLY A 226 -1.20 -17.91 7.63
N VAL A 227 -1.34 -17.17 8.73
CA VAL A 227 -0.78 -15.83 8.82
C VAL A 227 0.57 -15.93 9.53
N ARG A 228 1.64 -15.57 8.82
CA ARG A 228 3.01 -15.65 9.36
C ARG A 228 3.34 -17.06 9.83
N SER A 229 2.68 -18.06 9.26
CA SER A 229 2.81 -19.44 9.72
C SER A 229 2.07 -20.36 8.76
N LYS A 230 2.19 -21.66 8.98
CA LYS A 230 1.52 -22.65 8.13
C LYS A 230 1.74 -22.33 6.65
N PHE A 231 3.02 -22.26 6.28
CA PHE A 231 3.42 -21.81 4.95
C PHE A 231 3.07 -22.82 3.85
N GLY A 232 2.81 -22.31 2.64
CA GLY A 232 2.62 -23.17 1.47
C GLY A 232 3.96 -23.51 0.83
N GLU A 233 3.97 -24.48 -0.09
CA GLU A 233 5.20 -24.78 -0.80
C GLU A 233 4.93 -25.12 -2.25
N VAL A 234 5.85 -24.73 -3.12
CA VAL A 234 5.81 -25.10 -4.53
C VAL A 234 7.08 -25.83 -4.84
N GLN A 235 6.97 -27.02 -5.43
CA GLN A 235 8.16 -27.80 -5.75
C GLN A 235 8.60 -27.45 -7.16
N ILE A 236 9.84 -26.95 -7.28
CA ILE A 236 10.41 -26.58 -8.57
C ILE A 236 11.72 -27.33 -8.74
N GLY A 237 11.67 -28.42 -9.51
CA GLY A 237 12.81 -29.29 -9.66
C GLY A 237 13.36 -29.71 -8.31
N SER A 238 14.64 -29.44 -8.09
CA SER A 238 15.29 -29.77 -6.83
C SER A 238 14.83 -28.88 -5.66
N ARG A 239 14.56 -27.61 -5.93
CA ARG A 239 14.31 -26.69 -4.84
C ARG A 239 12.83 -26.48 -4.54
N THR A 240 12.57 -26.03 -3.33
CA THR A 240 11.23 -25.74 -2.88
C THR A 240 11.08 -24.24 -2.71
N VAL A 241 9.96 -23.69 -3.16
CA VAL A 241 9.66 -22.29 -2.96
C VAL A 241 8.67 -22.18 -1.81
N LYS A 242 9.03 -21.41 -0.79
CA LYS A 242 8.12 -21.21 0.33
C LYS A 242 7.16 -20.09 -0.02
N VAL A 243 5.89 -20.25 0.39
CA VAL A 243 4.86 -19.27 0.12
C VAL A 243 4.15 -18.88 1.43
N GLY A 244 4.05 -17.59 1.70
CA GLY A 244 3.50 -17.16 2.97
C GLY A 244 2.73 -15.86 2.93
N ALA A 245 1.98 -15.61 3.99
CA ALA A 245 1.23 -14.38 4.21
C ALA A 245 1.84 -13.60 5.39
N PHE A 246 2.21 -12.36 5.13
CA PHE A 246 2.84 -11.50 6.14
C PHE A 246 2.20 -10.13 5.99
N PRO A 247 1.20 -9.80 6.82
CA PRO A 247 0.48 -8.54 6.61
C PRO A 247 1.31 -7.34 7.08
N ILE A 248 1.61 -6.42 6.17
CA ILE A 248 2.46 -5.28 6.52
C ILE A 248 1.76 -4.42 7.56
N SER A 249 2.54 -3.61 8.27
CA SER A 249 1.96 -2.68 9.22
C SER A 249 2.82 -1.43 9.23
N ILE A 250 2.66 -0.62 10.27
CA ILE A 250 3.37 0.64 10.43
C ILE A 250 4.24 0.64 11.69
N ASP A 251 4.98 1.71 11.91
CA ASP A 251 5.66 1.89 13.20
C ASP A 251 4.64 2.51 14.15
N SER A 252 3.79 1.64 14.72
CA SER A 252 2.66 2.05 15.54
C SER A 252 3.08 2.92 16.73
N ALA A 253 4.13 2.52 17.42
CA ALA A 253 4.58 3.22 18.62
C ALA A 253 5.09 4.63 18.30
N ASP A 254 5.81 4.76 17.18
CA ASP A 254 6.32 6.05 16.76
C ASP A 254 5.19 7.02 16.43
N LEU A 255 4.17 6.53 15.73
CA LEU A 255 3.05 7.38 15.37
C LEU A 255 2.20 7.75 16.58
N ASP A 256 1.99 6.77 17.45
CA ASP A 256 1.30 6.99 18.71
C ASP A 256 1.98 8.13 19.48
N ARG A 257 3.31 8.09 19.53
CA ARG A 257 4.08 9.11 20.25
C ARG A 257 3.93 10.48 19.58
N GLN A 258 4.08 10.50 18.26
CA GLN A 258 4.07 11.73 17.47
C GLN A 258 2.74 12.45 17.58
N ALA A 259 1.65 11.69 17.59
CA ALA A 259 0.30 12.25 17.61
C ALA A 259 -0.03 12.92 18.95
N ARG A 260 0.73 12.60 20.00
CA ARG A 260 0.52 13.23 21.31
C ARG A 260 1.21 14.58 21.44
N GLN A 261 2.01 14.98 20.45
CA GLN A 261 2.76 16.23 20.57
C GLN A 261 1.82 17.42 20.67
N ARG A 262 2.22 18.40 21.49
CA ARG A 262 1.41 19.60 21.72
C ARG A 262 1.07 20.32 20.42
N SER A 263 2.05 20.51 19.55
CA SER A 263 1.82 21.21 18.29
C SER A 263 0.81 20.48 17.40
N ILE A 264 0.79 19.14 17.44
CA ILE A 264 -0.17 18.39 16.65
C ILE A 264 -1.59 18.62 17.17
N ARG A 265 -1.74 18.53 18.49
CA ARG A 265 -3.05 18.71 19.09
C ARG A 265 -3.57 20.12 18.86
N GLN A 266 -2.68 21.11 18.95
CA GLN A 266 -3.06 22.50 18.67
C GLN A 266 -3.52 22.66 17.22
N ARG A 267 -2.80 22.05 16.29
CA ARG A 267 -3.18 22.13 14.89
C ARG A 267 -4.54 21.46 14.64
N ALA A 268 -4.80 20.34 15.31
CA ALA A 268 -6.08 19.67 15.14
C ALA A 268 -7.21 20.58 15.60
N ARG A 269 -7.02 21.29 16.72
CA ARG A 269 -8.02 22.23 17.18
C ARG A 269 -8.23 23.36 16.17
N GLN A 270 -7.12 23.88 15.66
CA GLN A 270 -7.14 24.96 14.67
C GLN A 270 -7.83 24.52 13.38
N ILE A 271 -7.60 23.28 12.97
CA ILE A 271 -8.27 22.72 11.80
C ILE A 271 -9.79 22.76 11.98
N ARG A 272 -10.27 22.35 13.14
CA ARG A 272 -11.70 22.35 13.39
CA ARG A 272 -11.72 22.36 13.39
C ARG A 272 -12.25 23.79 13.40
N ALA A 273 -11.47 24.74 13.93
CA ALA A 273 -11.90 26.15 13.93
C ALA A 273 -12.00 26.69 12.49
N GLU A 274 -11.01 26.39 11.66
CA GLU A 274 -11.00 26.82 10.26
C GLU A 274 -12.14 26.22 9.45
N LEU A 275 -12.67 25.09 9.91
CA LEU A 275 -13.81 24.47 9.25
C LEU A 275 -15.13 25.05 9.76
N GLY A 276 -15.06 26.02 10.66
CA GLY A 276 -16.26 26.65 11.20
C GLY A 276 -16.84 25.88 12.36
N ASN A 277 -15.95 25.26 13.15
CA ASN A 277 -16.28 24.38 14.28
C ASN A 277 -17.45 23.42 14.09
N PRO A 278 -17.32 22.51 13.11
CA PRO A 278 -18.36 21.50 12.92
C PRO A 278 -18.44 20.57 14.13
N ARG A 279 -19.60 19.96 14.33
CA ARG A 279 -19.74 18.95 15.37
C ARG A 279 -19.01 17.67 14.95
N ARG A 280 -19.05 17.36 13.65
CA ARG A 280 -18.43 16.14 13.13
C ARG A 280 -17.63 16.38 11.87
N ILE A 281 -16.42 15.83 11.84
CA ILE A 281 -15.56 15.86 10.67
C ILE A 281 -15.35 14.45 10.16
N LEU A 282 -15.67 14.22 8.88
CA LEU A 282 -15.28 12.98 8.23
C LEU A 282 -14.01 13.26 7.44
N LEU A 283 -13.12 12.29 7.39
CA LEU A 283 -11.84 12.48 6.73
C LEU A 283 -11.54 11.32 5.79
N GLY A 284 -11.11 11.67 4.58
CA GLY A 284 -10.52 10.72 3.64
C GLY A 284 -9.09 11.14 3.33
N VAL A 285 -8.17 10.19 3.36
CA VAL A 285 -6.77 10.45 3.02
C VAL A 285 -6.30 9.33 2.11
N ASP A 286 -6.01 9.64 0.85
CA ASP A 286 -5.59 8.60 -0.09
C ASP A 286 -4.63 9.17 -1.11
N ARG A 287 -3.64 8.39 -1.50
CA ARG A 287 -2.98 8.62 -2.76
C ARG A 287 -4.10 8.47 -3.78
N LEU A 288 -4.21 9.42 -4.71
CA LEU A 288 -5.32 9.36 -5.65
C LEU A 288 -5.20 8.10 -6.52
N ASP A 289 -6.25 7.29 -6.55
CA ASP A 289 -6.21 6.02 -7.29
C ASP A 289 -7.63 5.49 -7.41
N TYR A 290 -7.95 4.86 -8.54
CA TYR A 290 -9.28 4.32 -8.72
C TYR A 290 -9.51 3.12 -7.81
N THR A 291 -8.46 2.62 -7.18
CA THR A 291 -8.65 1.52 -6.24
C THR A 291 -9.22 1.98 -4.90
N LYS A 292 -9.19 3.30 -4.65
CA LYS A 292 -9.40 3.80 -3.28
C LYS A 292 -10.84 4.06 -2.87
N GLY A 293 -11.76 3.98 -3.83
CA GLY A 293 -13.17 4.12 -3.53
C GLY A 293 -13.55 5.51 -3.02
N ILE A 294 -12.87 6.53 -3.53
CA ILE A 294 -13.16 7.91 -3.11
C ILE A 294 -14.52 8.34 -3.65
N ASP A 295 -14.82 7.90 -4.87
CA ASP A 295 -16.11 8.21 -5.48
C ASP A 295 -17.26 7.66 -4.65
N VAL A 296 -17.06 6.49 -4.07
CA VAL A 296 -18.10 5.88 -3.23
C VAL A 296 -18.42 6.71 -1.97
N ARG A 297 -17.39 7.25 -1.33
CA ARG A 297 -17.63 8.10 -0.16
C ARG A 297 -18.42 9.34 -0.48
N LEU A 298 -18.07 9.96 -1.60
CA LEU A 298 -18.72 11.20 -2.02
C LEU A 298 -20.18 10.92 -2.38
N GLN A 299 -20.42 9.79 -3.06
CA GLN A 299 -21.79 9.42 -3.42
C GLN A 299 -22.63 9.18 -2.16
N ALA A 300 -22.07 8.42 -1.22
CA ALA A 300 -22.78 8.11 0.02
C ALA A 300 -23.08 9.40 0.78
N PHE A 301 -22.08 10.27 0.85
CA PHE A 301 -22.23 11.53 1.59
C PHE A 301 -23.32 12.39 0.93
N ALA A 302 -23.30 12.48 -0.40
CA ALA A 302 -24.30 13.26 -1.12
C ALA A 302 -25.73 12.74 -0.91
N GLU A 303 -25.91 11.42 -0.96
CA GLU A 303 -27.22 10.84 -0.77
C GLU A 303 -27.71 11.01 0.69
N LEU A 304 -26.79 10.89 1.65
CA LEU A 304 -27.16 11.15 3.04
C LEU A 304 -27.62 12.59 3.24
N LEU A 305 -26.95 13.53 2.59
CA LEU A 305 -27.36 14.93 2.67
C LEU A 305 -28.72 15.11 2.01
N ALA A 306 -28.89 14.52 0.82
CA ALA A 306 -30.18 14.60 0.13
C ALA A 306 -31.30 14.07 1.01
N GLU A 307 -31.02 12.98 1.72
CA GLU A 307 -32.04 12.33 2.55
C GLU A 307 -32.19 12.99 3.92
N GLY A 308 -31.39 14.02 4.19
CA GLY A 308 -31.45 14.70 5.48
C GLY A 308 -30.99 13.83 6.64
N ARG A 309 -30.18 12.82 6.36
CA ARG A 309 -29.72 11.88 7.39
C ARG A 309 -28.39 12.31 7.99
N VAL A 310 -27.77 13.27 7.34
CA VAL A 310 -26.58 13.95 7.85
C VAL A 310 -26.95 15.42 7.90
N ASN A 311 -26.52 16.11 8.95
CA ASN A 311 -26.86 17.51 9.12
C ASN A 311 -25.87 18.39 8.37
N ARG A 312 -26.33 19.06 7.31
CA ARG A 312 -25.44 19.85 6.46
CA ARG A 312 -25.44 19.85 6.46
C ARG A 312 -24.89 21.08 7.18
N GLU A 313 -25.47 21.40 8.33
CA GLU A 313 -25.03 22.57 9.09
C GLU A 313 -23.90 22.26 10.07
N ASP A 314 -23.71 21.01 10.48
CA ASP A 314 -22.69 20.75 11.51
C ASP A 314 -21.77 19.56 11.19
N THR A 315 -21.80 19.10 9.95
CA THR A 315 -21.00 17.96 9.55
C THR A 315 -20.26 18.30 8.26
N VAL A 316 -18.98 17.98 8.21
CA VAL A 316 -18.17 18.33 7.07
CA VAL A 316 -18.13 18.36 7.09
C VAL A 316 -17.26 17.17 6.72
N PHE A 317 -17.03 17.00 5.42
CA PHE A 317 -16.18 15.93 4.90
C PHE A 317 -14.92 16.56 4.29
N VAL A 318 -13.76 16.15 4.80
CA VAL A 318 -12.49 16.58 4.25
C VAL A 318 -11.84 15.41 3.49
N GLN A 319 -11.58 15.61 2.20
CA GLN A 319 -10.87 14.60 1.41
C GLN A 319 -9.51 15.14 0.95
N LEU A 320 -8.45 14.49 1.40
CA LEU A 320 -7.09 14.84 0.98
C LEU A 320 -6.62 13.79 -0.03
N ALA A 321 -6.45 14.20 -1.28
CA ALA A 321 -6.00 13.29 -2.32
C ALA A 321 -4.60 13.71 -2.72
N THR A 322 -3.64 12.81 -2.56
CA THR A 322 -2.28 13.17 -2.93
C THR A 322 -2.03 12.74 -4.37
N PRO A 323 -1.42 13.62 -5.18
CA PRO A 323 -1.30 13.43 -6.63
C PRO A 323 -0.57 12.14 -6.96
N SER A 324 -1.03 11.45 -7.99
CA SER A 324 -0.44 10.18 -8.35
C SER A 324 -0.67 9.90 -9.83
N ARG A 325 0.42 9.54 -10.51
CA ARG A 325 0.37 8.98 -11.86
C ARG A 325 -0.43 9.81 -12.87
N GLU A 326 -0.13 11.11 -12.89
CA GLU A 326 -0.82 12.06 -13.76
C GLU A 326 -0.62 11.73 -15.25
N ARG A 327 0.43 11.01 -15.57
CA ARG A 327 0.70 10.64 -16.95
C ARG A 327 -0.16 9.46 -17.43
N VAL A 328 -0.91 8.86 -16.51
CA VAL A 328 -1.77 7.74 -16.85
C VAL A 328 -3.21 8.22 -17.02
N GLU A 329 -3.79 8.02 -18.20
CA GLU A 329 -5.11 8.59 -18.51
C GLU A 329 -6.20 8.21 -17.50
N ALA A 330 -6.22 6.96 -17.05
CA ALA A 330 -7.24 6.52 -16.09
C ALA A 330 -7.26 7.39 -14.83
N TYR A 331 -6.11 7.92 -14.45
CA TYR A 331 -6.02 8.70 -13.21
C TYR A 331 -6.50 10.12 -13.44
N ARG A 332 -6.31 10.63 -14.66
CA ARG A 332 -6.80 11.96 -15.00
C ARG A 332 -8.32 11.92 -15.06
N LEU A 333 -8.88 10.86 -15.62
CA LEU A 333 -10.32 10.70 -15.70
C LEU A 333 -10.96 10.55 -14.33
N LEU A 334 -10.28 9.82 -13.45
CA LEU A 334 -10.77 9.65 -12.08
C LEU A 334 -10.77 11.00 -11.35
N ARG A 335 -9.71 11.78 -11.55
CA ARG A 335 -9.60 13.09 -10.92
C ARG A 335 -10.75 13.99 -11.39
N ASP A 336 -11.09 13.89 -12.68
CA ASP A 336 -12.21 14.66 -13.22
C ASP A 336 -13.55 14.29 -12.58
N ASP A 337 -13.79 12.99 -12.33
CA ASP A 337 -15.04 12.52 -11.74
CA ASP A 337 -15.06 12.56 -11.74
C ASP A 337 -15.18 12.95 -10.28
N ILE A 338 -14.08 12.82 -9.54
CA ILE A 338 -14.09 13.19 -8.15
C ILE A 338 -14.36 14.70 -8.01
N GLU A 339 -13.70 15.48 -8.84
CA GLU A 339 -13.76 16.93 -8.73
C GLU A 339 -15.17 17.41 -9.11
N ARG A 340 -15.81 16.73 -10.06
CA ARG A 340 -17.21 17.02 -10.35
C ARG A 340 -18.11 16.76 -9.14
N GLN A 341 -17.91 15.61 -8.48
CA GLN A 341 -18.74 15.28 -7.32
C GLN A 341 -18.58 16.34 -6.22
N VAL A 342 -17.34 16.76 -6.00
CA VAL A 342 -17.08 17.81 -5.00
C VAL A 342 -17.84 19.09 -5.32
N GLY A 343 -17.66 19.58 -6.55
CA GLY A 343 -18.36 20.77 -7.00
C GLY A 343 -19.86 20.62 -6.84
N HIS A 344 -20.37 19.44 -7.22
CA HIS A 344 -21.81 19.21 -7.22
C HIS A 344 -22.40 19.24 -5.81
N ILE A 345 -21.75 18.52 -4.90
CA ILE A 345 -22.22 18.39 -3.53
C ILE A 345 -22.22 19.74 -2.81
N ASN A 346 -21.16 20.51 -2.99
CA ASN A 346 -21.13 21.85 -2.39
C ASN A 346 -22.17 22.79 -2.99
N GLY A 347 -22.39 22.69 -4.30
CA GLY A 347 -23.36 23.55 -4.95
C GLY A 347 -24.77 23.27 -4.46
N GLU A 348 -25.02 22.03 -4.08
CA GLU A 348 -26.35 21.58 -3.67
C GLU A 348 -26.60 21.76 -2.16
N TYR A 349 -25.58 21.55 -1.34
CA TYR A 349 -25.78 21.48 0.11
C TYR A 349 -24.95 22.43 0.95
N GLY A 350 -23.96 23.08 0.33
CA GLY A 350 -23.16 24.05 1.05
C GLY A 350 -23.82 25.43 1.13
N GLU A 351 -23.10 26.36 1.74
CA GLU A 351 -23.48 27.76 1.77
C GLU A 351 -22.24 28.53 1.38
N VAL A 352 -22.40 29.76 0.90
CA VAL A 352 -21.25 30.61 0.65
C VAL A 352 -20.50 30.84 1.96
N GLY A 353 -19.21 30.55 1.95
CA GLY A 353 -18.41 30.60 3.16
C GLY A 353 -18.41 29.30 3.95
N HIS A 354 -19.21 28.32 3.51
CA HIS A 354 -19.29 27.04 4.22
C HIS A 354 -19.59 25.83 3.32
N PRO A 355 -18.56 25.27 2.70
CA PRO A 355 -18.71 23.98 1.99
C PRO A 355 -19.05 22.85 2.94
N VAL A 356 -19.69 21.80 2.44
CA VAL A 356 -19.81 20.56 3.22
C VAL A 356 -18.68 19.61 2.84
N VAL A 357 -18.02 19.87 1.70
CA VAL A 357 -16.86 19.07 1.33
C VAL A 357 -15.66 19.95 1.04
N HIS A 358 -14.56 19.67 1.74
CA HIS A 358 -13.28 20.32 1.45
C HIS A 358 -12.37 19.31 0.80
N TYR A 359 -11.84 19.66 -0.37
CA TYR A 359 -11.08 18.70 -1.15
C TYR A 359 -9.76 19.33 -1.56
N LEU A 360 -8.67 18.63 -1.27
CA LEU A 360 -7.35 19.14 -1.64
C LEU A 360 -6.61 18.09 -2.43
N HIS A 361 -6.00 18.52 -3.51
CA HIS A 361 -5.25 17.63 -4.38
C HIS A 361 -3.81 18.07 -4.36
N ARG A 362 -3.06 17.61 -3.35
CA ARG A 362 -1.66 18.00 -3.18
C ARG A 362 -1.03 17.14 -2.08
N PRO A 363 0.31 17.05 -2.08
CA PRO A 363 0.96 16.34 -0.98
C PRO A 363 0.72 17.11 0.31
N VAL A 364 0.62 16.40 1.42
CA VAL A 364 0.40 17.00 2.73
C VAL A 364 1.61 16.72 3.62
N PRO A 365 2.16 17.74 4.31
CA PRO A 365 3.24 17.39 5.24
C PRO A 365 2.79 16.34 6.27
N ARG A 366 3.71 15.48 6.69
CA ARG A 366 3.42 14.40 7.63
C ARG A 366 2.72 14.89 8.91
N GLU A 367 3.21 15.98 9.49
CA GLU A 367 2.64 16.43 10.77
C GLU A 367 1.27 17.06 10.54
N GLU A 368 1.01 17.55 9.33
CA GLU A 368 -0.31 18.05 8.97
C GLU A 368 -1.28 16.88 8.86
N LEU A 369 -0.85 15.80 8.21
CA LEU A 369 -1.64 14.60 8.10
C LEU A 369 -2.05 14.07 9.48
N ILE A 370 -1.09 14.02 10.39
CA ILE A 370 -1.33 13.51 11.72
C ILE A 370 -2.36 14.39 12.45
N ALA A 371 -2.24 15.71 12.29
CA ALA A 371 -3.21 16.62 12.87
C ALA A 371 -4.61 16.34 12.33
N PHE A 372 -4.72 16.04 11.03
CA PHE A 372 -6.03 15.72 10.49
C PHE A 372 -6.59 14.41 11.07
N PHE A 373 -5.73 13.39 11.21
CA PHE A 373 -6.16 12.14 11.88
C PHE A 373 -6.71 12.45 13.28
N VAL A 374 -6.01 13.30 14.01
CA VAL A 374 -6.42 13.62 15.38
C VAL A 374 -7.72 14.42 15.38
N ALA A 375 -7.93 15.27 14.37
CA ALA A 375 -9.15 16.09 14.32
C ALA A 375 -10.38 15.30 13.88
N ALA A 376 -10.18 14.24 13.10
CA ALA A 376 -11.30 13.56 12.42
C ALA A 376 -12.15 12.68 13.34
N ASP A 377 -13.46 12.90 13.35
CA ASP A 377 -14.38 12.04 14.11
C ASP A 377 -14.65 10.72 13.40
N VAL A 378 -14.58 10.72 12.08
CA VAL A 378 -14.80 9.52 11.29
C VAL A 378 -13.78 9.43 10.17
N MET A 379 -13.04 8.33 10.15
CA MET A 379 -12.05 8.09 9.11
C MET A 379 -12.71 7.21 8.06
N LEU A 380 -12.75 7.70 6.82
CA LEU A 380 -13.38 6.94 5.74
C LEU A 380 -12.32 6.28 4.88
N VAL A 381 -12.13 4.97 5.05
CA VAL A 381 -11.18 4.24 4.23
C VAL A 381 -11.94 3.19 3.43
N THR A 382 -12.41 3.55 2.23
CA THR A 382 -13.33 2.67 1.48
C THR A 382 -12.83 2.14 0.11
N PRO A 383 -11.61 1.62 0.05
CA PRO A 383 -11.11 1.09 -1.23
C PRO A 383 -11.96 -0.03 -1.84
N LEU A 384 -12.04 -0.04 -3.15
CA LEU A 384 -12.66 -1.14 -3.90
C LEU A 384 -11.79 -2.39 -3.81
N ARG A 385 -10.49 -2.18 -3.69
CA ARG A 385 -9.50 -3.26 -3.58
C ARG A 385 -8.17 -2.65 -3.21
N ASP A 386 -7.58 -3.11 -2.10
CA ASP A 386 -6.30 -2.56 -1.62
C ASP A 386 -5.48 -3.67 -0.96
N GLY A 387 -4.17 -3.70 -1.22
CA GLY A 387 -3.31 -4.73 -0.64
C GLY A 387 -3.37 -4.74 0.88
N MET A 388 -3.14 -3.59 1.49
CA MET A 388 -3.29 -3.49 2.94
C MET A 388 -4.09 -2.25 3.31
N ASN A 389 -3.51 -1.11 2.97
CA ASN A 389 -3.95 0.24 3.35
C ASN A 389 -3.42 0.62 4.72
N LEU A 390 -2.37 1.42 4.72
CA LEU A 390 -1.69 1.83 5.95
C LEU A 390 -2.38 2.99 6.62
N VAL A 391 -3.14 3.76 5.85
CA VAL A 391 -3.86 4.90 6.40
C VAL A 391 -4.83 4.46 7.51
N ALA A 392 -5.49 3.32 7.32
CA ALA A 392 -6.40 2.81 8.34
C ALA A 392 -5.67 2.56 9.65
N LYS A 393 -4.46 2.01 9.55
CA LYS A 393 -3.68 1.71 10.75
C LYS A 393 -3.07 2.95 11.36
N GLU A 394 -2.70 3.92 10.52
CA GLU A 394 -2.14 5.17 11.03
C GLU A 394 -3.16 5.97 11.84
N TYR A 395 -4.40 6.02 11.36
CA TYR A 395 -5.46 6.68 12.08
C TYR A 395 -5.62 6.09 13.48
N VAL A 396 -5.70 4.76 13.52
CA VAL A 396 -5.85 4.04 14.80
C VAL A 396 -4.71 4.34 15.76
N ALA A 397 -3.48 4.28 15.26
CA ALA A 397 -2.30 4.55 16.07
C ALA A 397 -2.31 5.99 16.61
N CYS A 398 -2.90 6.90 15.86
CA CYS A 398 -2.97 8.30 16.29
C CYS A 398 -4.01 8.57 17.36
N ARG A 399 -5.03 7.71 17.47
CA ARG A 399 -6.13 8.05 18.39
C ARG A 399 -5.93 7.49 19.81
N SER A 400 -4.84 7.88 20.46
CA SER A 400 -4.61 7.46 21.84
C SER A 400 -5.61 8.10 22.81
N ASP A 401 -6.34 9.10 22.35
CA ASP A 401 -7.43 9.68 23.13
C ASP A 401 -8.66 8.75 23.09
N LEU A 402 -8.60 7.75 22.20
CA LEU A 402 -9.64 6.75 21.97
C LEU A 402 -10.90 7.33 21.33
N GLY A 403 -10.82 8.56 20.85
CA GLY A 403 -11.92 9.16 20.10
C GLY A 403 -11.89 8.68 18.66
N GLY A 404 -12.86 9.11 17.86
CA GLY A 404 -12.88 8.77 16.45
C GLY A 404 -13.56 7.45 16.12
N ALA A 405 -13.62 7.16 14.83
CA ALA A 405 -14.28 5.96 14.33
C ALA A 405 -13.69 5.65 12.98
N LEU A 406 -13.44 4.37 12.72
CA LEU A 406 -12.86 3.95 11.44
C LEU A 406 -13.93 3.22 10.63
N VAL A 407 -14.26 3.76 9.46
CA VAL A 407 -15.11 3.06 8.50
C VAL A 407 -14.18 2.47 7.46
N LEU A 408 -14.24 1.15 7.28
CA LEU A 408 -13.21 0.43 6.56
C LEU A 408 -13.78 -0.59 5.58
N SER A 409 -13.34 -0.51 4.31
CA SER A 409 -13.79 -1.48 3.32
C SER A 409 -13.28 -2.89 3.64
N GLU A 410 -14.16 -3.89 3.47
CA GLU A 410 -13.79 -5.30 3.55
C GLU A 410 -12.71 -5.66 2.52
N PHE A 411 -12.58 -4.87 1.47
CA PHE A 411 -11.72 -5.24 0.34
C PHE A 411 -10.32 -4.68 0.51
N THR A 412 -9.92 -4.46 1.75
CA THR A 412 -8.55 -4.09 2.05
C THR A 412 -7.94 -5.21 2.87
N GLY A 413 -6.62 -5.36 2.78
CA GLY A 413 -5.94 -6.30 3.67
C GLY A 413 -6.14 -5.93 5.13
N ALA A 414 -6.27 -4.63 5.40
CA ALA A 414 -6.42 -4.17 6.77
C ALA A 414 -7.67 -4.75 7.44
N ALA A 415 -8.72 -4.98 6.66
CA ALA A 415 -9.98 -5.47 7.21
C ALA A 415 -9.84 -6.83 7.88
N ALA A 416 -8.82 -7.61 7.51
CA ALA A 416 -8.60 -8.92 8.14
C ALA A 416 -8.09 -8.78 9.58
N GLU A 417 -7.49 -7.63 9.90
CA GLU A 417 -6.93 -7.39 11.24
C GLU A 417 -7.75 -6.40 12.04
N LEU A 418 -8.49 -5.54 11.36
CA LEU A 418 -9.18 -4.44 12.02
C LEU A 418 -10.68 -4.67 12.03
N GLY A 419 -11.07 -5.86 12.47
CA GLY A 419 -12.47 -6.27 12.46
C GLY A 419 -13.36 -5.48 13.39
N GLN A 420 -12.75 -4.77 14.33
CA GLN A 420 -13.49 -3.96 15.28
CA GLN A 420 -13.48 -3.95 15.28
C GLN A 420 -13.91 -2.61 14.69
N ALA A 421 -13.39 -2.30 13.50
CA ALA A 421 -13.80 -1.10 12.77
C ALA A 421 -15.23 -1.29 12.24
N TYR A 422 -15.83 -0.23 11.71
CA TYR A 422 -17.10 -0.36 11.00
C TYR A 422 -16.82 -0.86 9.60
N LEU A 423 -16.98 -2.15 9.37
CA LEU A 423 -16.64 -2.74 8.08
C LEU A 423 -17.76 -2.57 7.04
N VAL A 424 -17.39 -2.27 5.81
CA VAL A 424 -18.40 -2.09 4.77
C VAL A 424 -18.00 -2.76 3.47
N ASN A 425 -19.00 -3.23 2.75
CA ASN A 425 -18.84 -3.59 1.35
C ASN A 425 -19.09 -2.32 0.53
N PRO A 426 -18.03 -1.74 -0.06
CA PRO A 426 -18.19 -0.46 -0.75
C PRO A 426 -19.16 -0.52 -1.93
N HIS A 427 -19.46 -1.72 -2.43
CA HIS A 427 -20.42 -1.89 -3.50
C HIS A 427 -21.85 -1.86 -2.97
N ASN A 428 -21.98 -2.05 -1.66
CA ASN A 428 -23.28 -2.01 -1.01
C ASN A 428 -23.48 -0.59 -0.51
N LEU A 429 -23.94 0.28 -1.41
CA LEU A 429 -24.03 1.71 -1.06
C LEU A 429 -25.01 1.98 0.11
N ASP A 430 -26.13 1.26 0.13
CA ASP A 430 -27.10 1.40 1.24
C ASP A 430 -26.42 1.18 2.59
N HIS A 431 -25.57 0.17 2.65
CA HIS A 431 -24.92 -0.17 3.92
C HIS A 431 -23.76 0.77 4.20
N VAL A 432 -23.10 1.25 3.15
CA VAL A 432 -22.07 2.26 3.38
C VAL A 432 -22.72 3.49 4.03
N LYS A 433 -23.87 3.89 3.50
CA LYS A 433 -24.60 5.03 4.04
C LYS A 433 -25.07 4.78 5.48
N ASP A 434 -25.69 3.61 5.74
CA ASP A 434 -26.09 3.28 7.12
C ASP A 434 -24.91 3.33 8.07
N THR A 435 -23.78 2.84 7.58
CA THR A 435 -22.58 2.74 8.41
C THR A 435 -21.99 4.11 8.72
N MET A 436 -21.97 5.01 7.74
CA MET A 436 -21.47 6.36 7.99
C MET A 436 -22.35 7.07 9.03
N VAL A 437 -23.67 6.85 8.96
CA VAL A 437 -24.56 7.46 9.96
C VAL A 437 -24.29 6.87 11.35
N ALA A 438 -24.06 5.56 11.39
CA ALA A 438 -23.77 4.88 12.66
C ALA A 438 -22.47 5.40 13.29
N ALA A 439 -21.43 5.56 12.47
CA ALA A 439 -20.15 6.06 12.93
C ALA A 439 -20.25 7.50 13.43
N LEU A 440 -21.01 8.31 12.71
CA LEU A 440 -21.17 9.71 13.08
C LEU A 440 -21.93 9.85 14.39
N ASN A 441 -22.81 8.90 14.66
CA ASN A 441 -23.69 9.02 15.81
C ASN A 441 -23.42 8.01 16.93
N GLN A 442 -22.29 7.33 16.87
CA GLN A 442 -21.96 6.32 17.88
C GLN A 442 -21.92 6.97 19.27
N THR A 443 -22.24 6.21 20.32
CA THR A 443 -22.02 6.70 21.68
C THR A 443 -20.52 6.82 21.94
N PRO A 444 -20.12 7.75 22.81
CA PRO A 444 -18.71 7.85 23.21
C PRO A 444 -18.14 6.50 23.68
N GLU A 445 -18.90 5.78 24.48
CA GLU A 445 -18.43 4.51 25.03
C GLU A 445 -18.21 3.46 23.95
N GLU A 446 -19.12 3.38 22.99
CA GLU A 446 -18.98 2.39 21.92
C GLU A 446 -17.78 2.74 21.04
N GLY A 447 -17.64 4.02 20.74
CA GLY A 447 -16.48 4.49 19.99
C GLY A 447 -15.19 4.10 20.69
N ARG A 448 -15.11 4.32 22.00
CA ARG A 448 -13.91 3.98 22.75
C ARG A 448 -13.64 2.48 22.76
N ARG A 449 -14.69 1.68 22.92
CA ARG A 449 -14.54 0.23 22.93
C ARG A 449 -13.88 -0.24 21.63
N ARG A 450 -14.40 0.22 20.50
CA ARG A 450 -13.84 -0.16 19.21
C ARG A 450 -12.40 0.35 19.05
N MET A 451 -12.15 1.60 19.41
CA MET A 451 -10.82 2.19 19.19
C MET A 451 -9.77 1.54 20.12
N ARG A 452 -10.15 1.23 21.36
CA ARG A 452 -9.27 0.49 22.24
C ARG A 452 -8.86 -0.87 21.64
N ALA A 453 -9.84 -1.60 21.11
CA ALA A 453 -9.55 -2.91 20.53
C ALA A 453 -8.68 -2.80 19.28
N LEU A 454 -8.96 -1.80 18.43
CA LEU A 454 -8.17 -1.62 17.22
C LEU A 454 -6.73 -1.27 17.58
N ARG A 455 -6.55 -0.44 18.60
CA ARG A 455 -5.20 -0.02 18.99
C ARG A 455 -4.39 -1.18 19.59
N ARG A 456 -5.03 -2.03 20.39
CA ARG A 456 -4.34 -3.22 20.89
C ARG A 456 -3.76 -4.03 19.72
N GLN A 457 -4.54 -4.17 18.66
CA GLN A 457 -4.09 -4.94 17.49
C GLN A 457 -2.93 -4.24 16.80
N VAL A 458 -3.12 -2.95 16.51
CA VAL A 458 -2.15 -2.21 15.72
C VAL A 458 -0.85 -1.98 16.50
N LEU A 459 -0.95 -1.73 17.80
CA LEU A 459 0.25 -1.55 18.61
C LEU A 459 1.05 -2.84 18.76
N ALA A 460 0.36 -3.98 18.78
CA ALA A 460 1.05 -5.25 18.93
C ALA A 460 1.59 -5.79 17.60
N HIS A 461 0.94 -5.40 16.50
CA HIS A 461 1.31 -5.93 15.20
C HIS A 461 1.82 -4.79 14.32
N ASP A 462 3.11 -4.50 14.45
CA ASP A 462 3.70 -3.34 13.79
C ASP A 462 4.64 -3.77 12.67
N VAL A 463 5.35 -2.81 12.08
CA VAL A 463 6.15 -3.10 10.90
C VAL A 463 7.36 -3.93 11.30
N ASP A 464 7.78 -3.79 12.55
CA ASP A 464 8.88 -4.60 13.05
C ASP A 464 8.53 -6.09 13.13
N LEU A 465 7.32 -6.40 13.58
CA LEU A 465 6.89 -7.79 13.63
C LEU A 465 6.81 -8.36 12.22
N TRP A 466 6.27 -7.56 11.31
CA TRP A 466 6.14 -7.97 9.91
C TRP A 466 7.49 -8.32 9.29
N ALA A 467 8.44 -7.38 9.39
CA ALA A 467 9.76 -7.56 8.79
C ALA A 467 10.51 -8.75 9.40
N ARG A 468 10.45 -8.89 10.73
CA ARG A 468 11.09 -10.01 11.41
CA ARG A 468 11.13 -10.00 11.37
C ARG A 468 10.53 -11.34 10.93
N SER A 469 9.21 -11.37 10.78
CA SER A 469 8.52 -12.60 10.39
CA SER A 469 8.53 -12.61 10.40
C SER A 469 8.91 -13.03 8.98
N PHE A 470 8.99 -12.07 8.06
CA PHE A 470 9.38 -12.37 6.69
C PHE A 470 10.83 -12.84 6.65
N LEU A 471 11.70 -12.13 7.36
CA LEU A 471 13.12 -12.46 7.34
C LEU A 471 13.43 -13.77 8.06
N ASP A 472 12.66 -14.10 9.10
CA ASP A 472 12.81 -15.41 9.75
C ASP A 472 12.41 -16.52 8.77
N ALA A 473 11.29 -16.33 8.09
CA ALA A 473 10.82 -17.31 7.09
C ALA A 473 11.84 -17.49 5.98
N LEU A 474 12.41 -16.37 5.52
CA LEU A 474 13.40 -16.42 4.46
C LEU A 474 14.68 -17.11 4.91
N ALA A 475 15.12 -16.82 6.14
CA ALA A 475 16.33 -17.43 6.67
C ALA A 475 16.19 -18.95 6.82
N SER A 476 14.97 -19.39 7.13
CA SER A 476 14.72 -20.82 7.29
C SER A 476 14.81 -21.60 5.97
N THR A 477 14.81 -20.91 4.84
CA THR A 477 14.93 -21.60 3.55
C THR A 477 16.38 -22.01 3.26
N ARG A 478 17.31 -21.62 4.13
CA ARG A 478 18.72 -21.97 3.92
C ARG A 478 19.06 -23.38 4.39
C21 GDG B . 1.02 -0.29 -1.64
C22 GDG B . -0.39 -0.90 -1.58
C24 GDG B . -0.20 -1.11 0.93
C01 GDG B . -0.42 9.53 1.81
N02 GDG B . -0.44 10.83 1.47
C03 GDG B . 0.57 11.47 2.13
C04 GDG B . 1.21 10.49 2.91
N05 GDG B . 0.56 9.33 2.68
C06 GDG B . 0.96 8.10 3.31
C07 GDG B . 0.01 7.56 4.00
C08 GDG B . 0.40 6.11 4.00
C09 GDG B . 1.02 5.93 2.59
O10 GDG B . 1.37 7.05 2.17
C11 GDG B . -0.06 5.34 1.64
O12 GDG B . -0.19 4.01 2.10
P13 GDG B . -0.99 2.96 1.22
O14 GDG B . -1.58 1.96 2.17
O15 GDG B . -2.06 3.65 0.43
O16 GDG B . 0.01 2.21 0.21
P17 GDG B . 0.12 2.32 -1.38
O18 GDG B . 0.70 3.66 -1.73
O19 GDG B . -1.24 2.17 -2.07
O20 GDG B . 1.12 1.14 -1.89
C23 GDG B . -1.07 -0.72 -0.22
C25 GDG B . 1.22 -0.52 0.86
O26 GDG B . 1.86 -0.67 -0.49
C27 GDG B . 2.11 -1.15 1.85
O28 GDG B . 2.38 -2.49 1.49
O29 GDG B . -0.83 -0.67 2.14
O30 GDG B . -2.28 -1.51 -0.16
O31 GDG B . -1.16 -0.38 -2.64
O32 GDG B . 1.33 5.82 4.96
O33 GDG B . 0.00 8.14 5.41
N34 GDG B . 2.33 10.80 3.77
C35 GDG B . 2.83 12.19 3.82
N36 GDG B . 2.18 13.18 3.02
C37 GDG B . 1.08 12.88 2.20
O38 GDG B . 0.57 13.77 1.55
N39 GDG B . 3.92 12.54 4.63
C3' NHE C . -17.26 -11.31 4.46
C2' NHE C . -16.43 -10.51 3.50
C1' NHE C . -15.25 -11.26 2.89
C6' NHE C . -14.62 -12.32 3.75
N NHE C . -14.24 -10.29 2.46
C1 NHE C . -14.70 -9.77 1.21
C2 NHE C . -13.56 -9.10 0.41
S NHE C . -12.57 -10.38 -0.41
O1 NHE C . -12.65 -11.73 0.26
O2 NHE C . -11.11 -10.03 -0.24
O3 NHE C . -12.90 -10.48 -1.89
C5' NHE C . -15.59 -13.15 4.55
C4' NHE C . -17.04 -12.80 4.32
C1 EDO D . -22.45 12.89 -5.96
O1 EDO D . -21.72 11.85 -6.61
C2 EDO D . -23.74 13.17 -6.73
O2 EDO D . -23.43 13.58 -8.06
C1 EDO E . -3.68 12.38 20.03
O1 EDO E . -3.35 13.73 20.38
C2 EDO E . -4.60 11.82 21.10
O2 EDO E . -4.12 12.20 22.40
C1 EDO F . -10.73 23.16 -1.18
O1 EDO F . -11.95 22.41 -1.33
C2 EDO F . -11.00 24.35 -0.28
O2 EDO F . -11.69 23.92 0.91
C1 EDO G . -15.20 1.44 26.69
O1 EDO G . -15.33 0.02 26.49
C2 EDO G . -13.72 1.81 26.75
O2 EDO G . -13.04 0.92 27.64
C1 EDO H . 12.33 -13.29 -18.38
O1 EDO H . 13.55 -13.73 -19.00
C2 EDO H . 11.33 -12.87 -19.44
O2 EDO H . 11.07 -13.99 -20.30
C1 EDO I . -9.68 -8.95 2.30
O1 EDO I . -9.71 -10.20 1.60
C2 EDO I . -9.29 -9.19 3.77
O2 EDO I . -10.08 -10.27 4.30
#